data_9E3T
#
_entry.id   9E3T
#
_cell.length_a   38.858
_cell.length_b   57.467
_cell.length_c   124.908
_cell.angle_alpha   90.000
_cell.angle_beta   94.240
_cell.angle_gamma   90.000
#
_symmetry.space_group_name_H-M   'P 1 21 1'
#
loop_
_entity.id
_entity.type
_entity.pdbx_description
1 polymer 'Ricin A chain'
2 non-polymer '(5M)-5-(2-ethyl-6-methylphenyl)thiophene-2-carboxylic acid'
3 non-polymer 'CHLORIDE ION'
4 water water
#
_entity_poly.entity_id   1
_entity_poly.type   'polypeptide(L)'
_entity_poly.pdbx_seq_one_letter_code
;SNAMIFPKQYPIINFTTAGATVQSYTNFIRAVRGRLTTGADVRHEIPVLPNRVGLPINQRFILVELSNHAELSVTLALDV
TNAYVVGYRAGNSAYFFHPDNQEDAEAITHLFTDVQNRYTFAFGGNYDRLEQLAGNLRENIELGNGPLEEAISALYYYST
GGTQLPTLARSFIICIQMISEAARFQYIEGEMRTRIRYNRRSAPDPSVITLENSWGRLSTAIQESNQGAFASPIQLQRRN
GSKFSVYDVSILIPIIALMVYRCAPPPSSQF
;
_entity_poly.pdbx_strand_id   A,B
#
loop_
_chem_comp.id
_chem_comp.type
_chem_comp.name
_chem_comp.formula
A1BH4 non-polymer '(5M)-5-(2-ethyl-6-methylphenyl)thiophene-2-carboxylic acid' 'C14 H14 O2 S'
CL non-polymer 'CHLORIDE ION' 'Cl -1'
#
# COMPACT_ATOMS: atom_id res chain seq x y z
N PRO A 7 -35.56 -13.19 17.05
CA PRO A 7 -34.67 -12.20 16.44
C PRO A 7 -33.23 -12.68 16.34
N LYS A 8 -32.79 -13.02 15.14
CA LYS A 8 -31.45 -13.54 14.96
C LYS A 8 -30.40 -12.51 15.36
N GLN A 9 -29.35 -12.97 16.02
CA GLN A 9 -28.30 -12.12 16.53
C GLN A 9 -27.11 -12.13 15.58
N TYR A 10 -26.71 -10.95 15.12
CA TYR A 10 -25.58 -10.79 14.24
C TYR A 10 -24.48 -9.98 14.93
N PRO A 11 -23.21 -10.18 14.54
CA PRO A 11 -22.12 -9.44 15.19
C PRO A 11 -22.30 -7.94 15.03
N ILE A 12 -21.85 -7.19 16.03
CA ILE A 12 -22.01 -5.74 16.03
C ILE A 12 -20.66 -5.08 16.28
N ILE A 13 -20.36 -4.05 15.49
CA ILE A 13 -19.15 -3.25 15.63
C ILE A 13 -19.57 -1.82 15.89
N ASN A 14 -19.00 -1.20 16.94
CA ASN A 14 -19.37 0.15 17.36
C ASN A 14 -18.35 1.17 16.89
N PHE A 15 -18.83 2.30 16.37
CA PHE A 15 -18.00 3.45 16.12
C PHE A 15 -18.71 4.70 16.59
N THR A 16 -17.96 5.66 17.13
CA THR A 16 -18.53 6.93 17.55
C THR A 16 -17.69 8.07 16.98
N THR A 17 -18.37 9.13 16.55
CA THR A 17 -17.67 10.33 16.11
C THR A 17 -17.21 11.19 17.27
N ALA A 18 -17.65 10.89 18.49
CA ALA A 18 -17.28 11.67 19.67
C ALA A 18 -15.85 11.32 20.05
N GLY A 19 -14.93 12.26 19.81
CA GLY A 19 -13.52 12.01 20.07
C GLY A 19 -12.86 11.08 19.08
N ALA A 20 -13.35 11.05 17.84
CA ALA A 20 -12.78 10.15 16.84
C ALA A 20 -11.34 10.54 16.52
N THR A 21 -10.49 9.53 16.37
CA THR A 21 -9.10 9.73 16.03
C THR A 21 -8.73 8.84 14.85
N VAL A 22 -7.52 9.05 14.32
CA VAL A 22 -7.01 8.18 13.27
C VAL A 22 -6.94 6.73 13.76
N GLN A 23 -6.54 6.54 15.03
CA GLN A 23 -6.44 5.19 15.58
C GLN A 23 -7.83 4.57 15.76
N SER A 24 -8.77 5.32 16.33
CA SER A 24 -10.09 4.75 16.57
C SER A 24 -10.82 4.44 15.28
N TYR A 25 -10.62 5.26 14.25
CA TYR A 25 -11.23 4.96 12.96
C TYR A 25 -10.57 3.77 12.30
N THR A 26 -9.24 3.66 12.43
CA THR A 26 -8.54 2.51 11.87
C THR A 26 -8.97 1.21 12.56
N ASN A 27 -9.05 1.22 13.89
CA ASN A 27 -9.49 0.02 14.60
C ASN A 27 -10.89 -0.38 14.17
N PHE A 28 -11.75 0.61 13.92
CA PHE A 28 -13.11 0.33 13.51
C PHE A 28 -13.17 -0.39 12.17
N ILE A 29 -12.49 0.15 11.16
CA ILE A 29 -12.53 -0.45 9.82
C ILE A 29 -11.89 -1.83 9.83
N ARG A 30 -10.80 -2.00 10.58
CA ARG A 30 -10.20 -3.32 10.68
C ARG A 30 -11.14 -4.33 11.33
N ALA A 31 -11.94 -3.88 12.30
CA ALA A 31 -12.90 -4.77 12.93
C ALA A 31 -14.03 -5.14 11.96
N VAL A 32 -14.45 -4.19 11.12
CA VAL A 32 -15.48 -4.50 10.13
C VAL A 32 -14.97 -5.50 9.10
N ARG A 33 -13.75 -5.31 8.61
CA ARG A 33 -13.16 -6.28 7.70
C ARG A 33 -13.13 -7.67 8.33
N GLY A 34 -12.78 -7.74 9.62
CA GLY A 34 -12.63 -9.03 10.28
C GLY A 34 -13.92 -9.78 10.48
N ARG A 35 -15.05 -9.09 10.52
CA ARG A 35 -16.32 -9.77 10.61
C ARG A 35 -16.93 -10.03 9.23
N LEU A 36 -16.49 -9.31 8.20
CA LEU A 36 -17.04 -9.50 6.86
C LEU A 36 -16.50 -10.77 6.23
N THR A 37 -15.23 -11.08 6.47
CA THR A 37 -14.57 -12.24 5.89
C THR A 37 -13.98 -13.10 6.99
N THR A 38 -13.62 -14.32 6.63
CA THR A 38 -12.86 -15.17 7.53
C THR A 38 -11.36 -14.98 7.34
N GLY A 39 -10.92 -14.59 6.15
CA GLY A 39 -9.52 -14.61 5.82
C GLY A 39 -9.01 -15.96 5.34
N ALA A 40 -9.89 -16.96 5.22
CA ALA A 40 -9.48 -18.28 4.74
C ALA A 40 -9.42 -18.34 3.22
N ASP A 41 -10.14 -17.49 2.53
CA ASP A 41 -10.11 -17.42 1.06
C ASP A 41 -9.37 -16.14 0.70
N VAL A 42 -8.11 -16.28 0.28
CA VAL A 42 -7.32 -15.15 -0.21
C VAL A 42 -6.79 -15.51 -1.59
N ARG A 43 -6.93 -14.57 -2.53
CA ARG A 43 -6.31 -14.69 -3.85
C ARG A 43 -5.34 -13.53 -4.00
N HIS A 44 -4.08 -13.84 -4.28
CA HIS A 44 -3.05 -12.83 -4.50
C HIS A 44 -2.95 -11.87 -3.31
N GLU A 45 -3.08 -12.44 -2.10
CA GLU A 45 -2.97 -11.77 -0.81
C GLU A 45 -4.18 -10.90 -0.48
N ILE A 46 -5.25 -11.00 -1.25
CA ILE A 46 -6.43 -10.15 -1.08
C ILE A 46 -7.59 -11.02 -0.60
N PRO A 47 -8.17 -10.74 0.56
CA PRO A 47 -9.28 -11.57 1.06
C PRO A 47 -10.50 -11.48 0.15
N VAL A 48 -11.21 -12.61 0.05
CA VAL A 48 -12.45 -12.70 -0.71
C VAL A 48 -13.61 -12.84 0.27
N LEU A 49 -14.70 -12.14 -0.01
CA LEU A 49 -15.91 -12.26 0.78
C LEU A 49 -16.57 -13.63 0.56
N PRO A 50 -17.41 -14.08 1.48
CA PRO A 50 -18.03 -15.39 1.32
C PRO A 50 -18.94 -15.45 0.11
N ASN A 51 -19.00 -16.64 -0.48
CA ASN A 51 -19.93 -16.91 -1.58
C ASN A 51 -21.36 -16.83 -1.09
N ARG A 52 -22.17 -16.01 -1.77
CA ARG A 52 -23.58 -15.89 -1.43
C ARG A 52 -24.32 -17.22 -1.56
N VAL A 53 -23.85 -18.10 -2.44
CA VAL A 53 -24.53 -19.37 -2.70
C VAL A 53 -24.26 -20.33 -1.54
N GLY A 54 -25.32 -20.79 -0.89
CA GLY A 54 -25.21 -21.72 0.22
C GLY A 54 -24.88 -21.09 1.56
N LEU A 55 -24.87 -19.77 1.66
CA LEU A 55 -24.51 -19.11 2.90
C LEU A 55 -25.68 -19.12 3.86
N PRO A 56 -25.53 -19.65 5.08
CA PRO A 56 -26.64 -19.66 6.02
C PRO A 56 -27.06 -18.26 6.44
N ILE A 57 -28.36 -18.10 6.68
CA ILE A 57 -28.92 -16.79 7.03
C ILE A 57 -28.29 -16.25 8.31
N ASN A 58 -27.94 -17.14 9.25
CA ASN A 58 -27.36 -16.68 10.51
C ASN A 58 -25.97 -16.08 10.34
N GLN A 59 -25.32 -16.29 9.19
CA GLN A 59 -24.01 -15.71 8.93
C GLN A 59 -24.05 -14.63 7.85
N ARG A 60 -25.25 -14.21 7.44
CA ARG A 60 -25.40 -13.37 6.26
C ARG A 60 -25.08 -11.90 6.51
N PHE A 61 -25.22 -11.42 7.74
CA PHE A 61 -25.15 -9.99 8.01
C PHE A 61 -24.23 -9.68 9.18
N ILE A 62 -23.74 -8.44 9.20
CA ILE A 62 -23.13 -7.85 10.38
C ILE A 62 -23.77 -6.49 10.60
N LEU A 63 -23.61 -5.97 11.81
CA LEU A 63 -24.23 -4.71 12.20
C LEU A 63 -23.17 -3.72 12.63
N VAL A 64 -23.33 -2.46 12.22
CA VAL A 64 -22.45 -1.38 12.60
C VAL A 64 -23.27 -0.36 13.37
N GLU A 65 -22.94 -0.17 14.64
CA GLU A 65 -23.66 0.80 15.48
C GLU A 65 -22.87 2.10 15.49
N LEU A 66 -23.50 3.16 15.01
CA LEU A 66 -22.88 4.48 14.91
C LEU A 66 -23.48 5.40 15.97
N SER A 67 -22.63 6.10 16.69
CA SER A 67 -23.06 7.08 17.67
C SER A 67 -22.35 8.40 17.41
N ASN A 68 -22.98 9.51 17.80
CA ASN A 68 -22.35 10.81 17.59
C ASN A 68 -22.29 11.63 18.89
N HIS A 69 -21.85 12.89 18.79
CA HIS A 69 -21.70 13.73 19.97
C HIS A 69 -23.02 13.96 20.69
N ALA A 70 -24.12 14.04 19.94
CA ALA A 70 -25.44 14.18 20.52
C ALA A 70 -25.93 12.88 21.14
N GLU A 71 -25.11 11.84 21.16
CA GLU A 71 -25.46 10.53 21.74
C GLU A 71 -26.68 9.92 21.06
N LEU A 72 -26.88 10.24 19.79
CA LEU A 72 -27.85 9.52 18.97
C LEU A 72 -27.17 8.31 18.34
N SER A 73 -27.91 7.21 18.24
CA SER A 73 -27.36 5.97 17.71
C SER A 73 -28.27 5.44 16.62
N VAL A 74 -27.65 4.96 15.53
CA VAL A 74 -28.34 4.19 14.50
C VAL A 74 -27.51 2.94 14.24
N THR A 75 -28.17 1.88 13.78
CA THR A 75 -27.52 0.61 13.53
C THR A 75 -27.67 0.26 12.06
N LEU A 76 -26.55 0.21 11.34
CA LEU A 76 -26.55 -0.16 9.94
C LEU A 76 -26.36 -1.67 9.80
N ALA A 77 -27.05 -2.27 8.84
CA ALA A 77 -26.88 -3.68 8.51
C ALA A 77 -26.10 -3.81 7.21
N LEU A 78 -25.05 -4.65 7.23
CA LEU A 78 -24.20 -4.87 6.08
C LEU A 78 -24.29 -6.32 5.64
N ASP A 79 -24.41 -6.51 4.33
CA ASP A 79 -24.38 -7.85 3.72
C ASP A 79 -22.93 -8.30 3.62
N VAL A 80 -22.63 -9.48 4.17
CA VAL A 80 -21.25 -9.95 4.17
C VAL A 80 -20.78 -10.39 2.79
N THR A 81 -21.69 -10.57 1.84
CA THR A 81 -21.31 -11.04 0.51
C THR A 81 -20.80 -9.92 -0.38
N ASN A 82 -21.06 -8.66 -0.04
CA ASN A 82 -20.54 -7.54 -0.82
C ASN A 82 -20.16 -6.34 0.04
N ALA A 83 -20.24 -6.45 1.36
CA ALA A 83 -19.83 -5.41 2.31
C ALA A 83 -20.71 -4.16 2.24
N TYR A 84 -21.88 -4.25 1.63
CA TYR A 84 -22.70 -3.07 1.38
C TYR A 84 -23.87 -2.98 2.37
N VAL A 85 -24.25 -1.74 2.68
CA VAL A 85 -25.38 -1.50 3.57
C VAL A 85 -26.67 -1.92 2.87
N VAL A 86 -27.51 -2.67 3.59
CA VAL A 86 -28.84 -3.05 3.10
C VAL A 86 -29.96 -2.29 3.78
N GLY A 87 -29.71 -1.63 4.89
CA GLY A 87 -30.75 -0.98 5.66
C GLY A 87 -30.22 -0.56 7.01
N TYR A 88 -31.09 0.06 7.80
CA TYR A 88 -30.67 0.53 9.11
C TYR A 88 -31.84 0.61 10.05
N ARG A 89 -31.52 0.69 11.34
CA ARG A 89 -32.50 0.80 12.40
C ARG A 89 -32.26 2.07 13.20
N ALA A 90 -33.34 2.79 13.49
CA ALA A 90 -33.27 3.93 14.39
C ALA A 90 -34.49 3.91 15.29
N GLY A 91 -34.28 3.78 16.60
CA GLY A 91 -35.39 3.73 17.53
C GLY A 91 -36.33 2.59 17.20
N ASN A 92 -37.60 2.92 17.02
CA ASN A 92 -38.65 1.94 16.82
C ASN A 92 -38.93 1.66 15.34
N SER A 93 -38.05 2.10 14.42
CA SER A 93 -38.26 1.90 13.00
C SER A 93 -37.01 1.33 12.34
N ALA A 94 -37.23 0.55 11.28
CA ALA A 94 -36.16 0.01 10.45
C ALA A 94 -36.49 0.26 8.99
N TYR A 95 -35.47 0.65 8.21
CA TYR A 95 -35.63 0.99 6.81
C TYR A 95 -34.69 0.15 5.97
N PHE A 96 -35.19 -0.36 4.85
CA PHE A 96 -34.44 -1.25 3.98
C PHE A 96 -34.44 -0.75 2.54
N PHE A 97 -33.30 -0.83 1.89
CA PHE A 97 -33.25 -0.59 0.45
C PHE A 97 -34.05 -1.66 -0.28
N HIS A 98 -34.59 -1.29 -1.43
CA HIS A 98 -35.35 -2.23 -2.25
C HIS A 98 -34.44 -3.39 -2.64
N PRO A 99 -34.79 -4.63 -2.29
CA PRO A 99 -33.91 -5.76 -2.59
C PRO A 99 -33.84 -6.04 -4.08
N ASP A 100 -32.66 -6.48 -4.52
CA ASP A 100 -32.45 -6.78 -5.94
C ASP A 100 -33.15 -8.06 -6.38
N ASN A 101 -33.52 -8.93 -5.45
CA ASN A 101 -34.12 -10.21 -5.80
C ASN A 101 -34.90 -10.75 -4.62
N GLN A 102 -35.66 -11.81 -4.89
CA GLN A 102 -36.53 -12.39 -3.87
C GLN A 102 -35.75 -13.14 -2.80
N GLU A 103 -34.58 -13.69 -3.15
CA GLU A 103 -33.74 -14.29 -2.13
C GLU A 103 -33.28 -13.25 -1.12
N ASP A 104 -32.90 -12.07 -1.58
CA ASP A 104 -32.51 -11.00 -0.67
C ASP A 104 -33.70 -10.44 0.08
N ALA A 105 -34.89 -10.41 -0.55
CA ALA A 105 -36.07 -9.93 0.14
C ALA A 105 -36.41 -10.80 1.34
N GLU A 106 -36.24 -12.12 1.20
CA GLU A 106 -36.49 -13.03 2.31
C GLU A 106 -35.38 -12.91 3.37
N ALA A 107 -34.14 -12.66 2.93
CA ALA A 107 -33.04 -12.58 3.88
C ALA A 107 -33.22 -11.41 4.84
N ILE A 108 -33.64 -10.25 4.33
CA ILE A 108 -33.74 -9.06 5.17
C ILE A 108 -34.91 -9.10 6.14
N THR A 109 -35.87 -10.02 5.97
CA THR A 109 -36.92 -10.15 6.97
C THR A 109 -36.37 -10.65 8.29
N HIS A 110 -35.16 -11.18 8.31
CA HIS A 110 -34.52 -11.63 9.54
C HIS A 110 -33.75 -10.54 10.25
N LEU A 111 -33.75 -9.32 9.71
CA LEU A 111 -33.04 -8.20 10.30
C LEU A 111 -34.01 -7.33 11.09
N PHE A 112 -33.58 -6.93 12.30
CA PHE A 112 -34.29 -5.94 13.10
C PHE A 112 -35.73 -6.36 13.35
N THR A 113 -35.94 -7.64 13.66
CA THR A 113 -37.29 -8.19 13.69
C THR A 113 -38.08 -7.78 14.91
N ASP A 114 -37.44 -7.23 15.94
CA ASP A 114 -38.13 -6.74 17.12
C ASP A 114 -38.55 -5.28 16.98
N VAL A 115 -38.34 -4.69 15.81
CA VAL A 115 -38.75 -3.32 15.54
C VAL A 115 -40.25 -3.31 15.26
N GLN A 116 -40.94 -2.26 15.73
CA GLN A 116 -42.38 -2.20 15.52
C GLN A 116 -42.74 -1.81 14.09
N ASN A 117 -41.93 -0.96 13.46
CA ASN A 117 -42.24 -0.41 12.14
C ASN A 117 -41.15 -0.82 11.15
N ARG A 118 -41.53 -1.53 10.10
CA ARG A 118 -40.63 -1.95 9.04
C ARG A 118 -41.02 -1.27 7.74
N TYR A 119 -40.04 -0.68 7.05
CA TYR A 119 -40.26 0.04 5.81
C TYR A 119 -39.23 -0.39 4.78
N THR A 120 -39.68 -0.60 3.55
CA THR A 120 -38.78 -0.85 2.43
C THR A 120 -38.96 0.25 1.39
N PHE A 121 -37.84 0.87 1.00
CA PHE A 121 -37.87 1.92 0.00
C PHE A 121 -38.11 1.34 -1.38
N ALA A 122 -38.52 2.21 -2.32
CA ALA A 122 -38.65 1.80 -3.71
C ALA A 122 -37.32 1.85 -4.45
N PHE A 123 -36.32 2.51 -3.90
CA PHE A 123 -35.01 2.65 -4.51
C PHE A 123 -33.99 1.73 -3.84
N GLY A 124 -33.01 1.31 -4.62
CA GLY A 124 -31.92 0.50 -4.10
C GLY A 124 -30.81 1.37 -3.54
N GLY A 125 -29.80 0.68 -2.98
CA GLY A 125 -28.68 1.36 -2.36
C GLY A 125 -27.60 1.84 -3.29
N ASN A 126 -27.79 1.72 -4.61
CA ASN A 126 -26.74 2.08 -5.54
C ASN A 126 -26.56 3.59 -5.63
N TYR A 127 -25.31 4.00 -5.89
CA TYR A 127 -24.98 5.43 -5.94
C TYR A 127 -25.78 6.18 -6.99
N ASP A 128 -26.11 5.53 -8.11
CA ASP A 128 -26.80 6.22 -9.20
C ASP A 128 -28.09 6.87 -8.70
N ARG A 129 -28.94 6.10 -8.03
CA ARG A 129 -30.21 6.65 -7.58
C ARG A 129 -30.05 7.50 -6.33
N LEU A 130 -29.13 7.14 -5.43
CA LEU A 130 -28.94 7.96 -4.23
C LEU A 130 -28.48 9.37 -4.58
N GLU A 131 -27.56 9.48 -5.54
CA GLU A 131 -27.13 10.79 -6.01
C GLU A 131 -28.30 11.59 -6.57
N GLN A 132 -29.20 10.92 -7.29
CA GLN A 132 -30.36 11.60 -7.83
C GLN A 132 -31.29 12.08 -6.71
N LEU A 133 -31.51 11.25 -5.69
CA LEU A 133 -32.35 11.67 -4.57
C LEU A 133 -31.67 12.77 -3.77
N ALA A 134 -30.34 12.70 -3.62
CA ALA A 134 -29.61 13.71 -2.86
C ALA A 134 -29.49 15.03 -3.61
N GLY A 135 -29.65 15.03 -4.92
CA GLY A 135 -29.43 16.24 -5.69
C GLY A 135 -27.98 16.61 -5.86
N ASN A 136 -27.07 15.65 -5.67
CA ASN A 136 -25.63 15.92 -5.79
C ASN A 136 -24.90 14.62 -6.08
N LEU A 137 -23.87 14.71 -6.93
CA LEU A 137 -22.96 13.61 -7.16
C LEU A 137 -22.03 13.42 -5.96
N ARG A 138 -21.44 12.22 -5.87
CA ARG A 138 -20.47 11.93 -4.82
C ARG A 138 -19.33 12.95 -4.79
N GLU A 139 -18.93 13.46 -5.96
CA GLU A 139 -17.81 14.39 -5.99
C GLU A 139 -18.15 15.75 -5.40
N ASN A 140 -19.43 15.99 -5.04
CA ASN A 140 -19.82 17.25 -4.42
C ASN A 140 -20.42 17.05 -3.04
N ILE A 141 -20.18 15.90 -2.42
CA ILE A 141 -20.67 15.58 -1.08
C ILE A 141 -19.46 15.35 -0.19
N GLU A 142 -19.25 16.24 0.77
CA GLU A 142 -18.05 16.18 1.59
C GLU A 142 -18.10 15.00 2.56
N LEU A 143 -16.92 14.44 2.84
CA LEU A 143 -16.77 13.32 3.77
C LEU A 143 -15.87 13.73 4.92
N GLY A 144 -16.00 13.01 6.03
CA GLY A 144 -15.19 13.27 7.21
C GLY A 144 -15.99 13.08 8.48
N ASN A 145 -15.38 13.40 9.62
CA ASN A 145 -16.06 13.18 10.91
C ASN A 145 -17.27 14.10 11.05
N GLY A 146 -17.14 15.35 10.61
CA GLY A 146 -18.24 16.28 10.65
C GLY A 146 -19.44 15.81 9.85
N PRO A 147 -19.22 15.46 8.58
CA PRO A 147 -20.32 14.87 7.79
C PRO A 147 -20.92 13.61 8.40
N LEU A 148 -20.10 12.71 8.96
CA LEU A 148 -20.64 11.49 9.55
C LEU A 148 -21.51 11.82 10.75
N GLU A 149 -21.06 12.76 11.60
CA GLU A 149 -21.87 13.24 12.72
C GLU A 149 -23.24 13.71 12.26
N GLU A 150 -23.27 14.53 11.22
CA GLU A 150 -24.54 15.01 10.68
C GLU A 150 -25.34 13.89 10.04
N ALA A 151 -24.65 12.96 9.36
CA ALA A 151 -25.34 11.84 8.72
C ALA A 151 -26.05 10.96 9.75
N ILE A 152 -25.41 10.75 10.90
CA ILE A 152 -26.02 9.93 11.96
C ILE A 152 -27.29 10.58 12.47
N SER A 153 -27.25 11.89 12.70
CA SER A 153 -28.44 12.60 13.18
C SER A 153 -29.55 12.55 12.15
N ALA A 154 -29.22 12.71 10.86
CA ALA A 154 -30.24 12.68 9.82
C ALA A 154 -30.93 11.33 9.76
N LEU A 155 -30.14 10.24 9.77
CA LEU A 155 -30.72 8.90 9.78
C LEU A 155 -31.60 8.70 11.01
N TYR A 156 -31.18 9.21 12.16
CA TYR A 156 -31.97 9.03 13.37
C TYR A 156 -33.32 9.72 13.27
N TYR A 157 -33.34 10.96 12.82
CA TYR A 157 -34.58 11.74 12.81
C TYR A 157 -35.46 11.46 11.60
N TYR A 158 -35.03 10.61 10.67
CA TYR A 158 -35.97 10.16 9.63
C TYR A 158 -37.10 9.35 10.23
N SER A 159 -36.85 8.69 11.38
CA SER A 159 -37.85 7.81 11.97
C SER A 159 -39.10 8.57 12.39
N THR A 160 -38.97 9.86 12.72
CA THR A 160 -40.11 10.67 13.14
C THR A 160 -40.39 11.85 12.19
N GLY A 161 -39.93 11.76 10.96
CA GLY A 161 -40.27 12.73 9.94
C GLY A 161 -39.49 14.03 9.97
N GLY A 162 -38.45 14.14 10.79
CA GLY A 162 -37.71 15.39 10.81
C GLY A 162 -36.59 15.52 9.81
N THR A 163 -36.37 14.51 8.98
CA THR A 163 -35.36 14.52 7.94
C THR A 163 -36.05 14.37 6.58
N GLN A 164 -35.75 15.29 5.66
CA GLN A 164 -36.24 15.20 4.30
C GLN A 164 -35.47 14.16 3.50
N LEU A 165 -36.11 13.64 2.45
CA LEU A 165 -35.50 12.57 1.67
C LEU A 165 -34.15 12.94 1.04
N PRO A 166 -33.99 14.12 0.42
CA PRO A 166 -32.65 14.44 -0.12
C PRO A 166 -31.56 14.43 0.94
N THR A 167 -31.86 14.89 2.14
CA THR A 167 -30.87 14.83 3.21
C THR A 167 -30.63 13.40 3.67
N LEU A 168 -31.66 12.56 3.65
CA LEU A 168 -31.45 11.14 3.98
C LEU A 168 -30.54 10.47 2.96
N ALA A 169 -30.80 10.71 1.67
CA ALA A 169 -29.99 10.10 0.61
C ALA A 169 -28.54 10.52 0.71
N ARG A 170 -28.28 11.80 0.97
CA ARG A 170 -26.91 12.25 1.11
C ARG A 170 -26.24 11.61 2.32
N SER A 171 -27.00 11.43 3.40
CA SER A 171 -26.45 10.76 4.58
C SER A 171 -26.12 9.31 4.30
N PHE A 172 -26.91 8.63 3.47
CA PHE A 172 -26.56 7.28 3.05
C PHE A 172 -25.25 7.27 2.26
N ILE A 173 -25.06 8.25 1.39
CA ILE A 173 -23.84 8.30 0.57
C ILE A 173 -22.61 8.48 1.45
N ILE A 174 -22.73 9.33 2.48
CA ILE A 174 -21.63 9.54 3.42
C ILE A 174 -21.32 8.24 4.17
N CYS A 175 -22.36 7.58 4.70
CA CYS A 175 -22.14 6.38 5.51
C CYS A 175 -21.56 5.25 4.68
N ILE A 176 -22.09 5.04 3.48
CA ILE A 176 -21.60 3.93 2.65
C ILE A 176 -20.13 4.12 2.32
N GLN A 177 -19.71 5.34 2.02
CA GLN A 177 -18.33 5.57 1.62
C GLN A 177 -17.38 5.45 2.81
N MET A 178 -17.79 5.96 3.99
CA MET A 178 -16.88 5.94 5.12
C MET A 178 -16.87 4.60 5.84
N ILE A 179 -17.75 3.67 5.49
CA ILE A 179 -17.79 2.37 6.13
C ILE A 179 -17.57 1.26 5.11
N SER A 180 -18.52 1.10 4.18
CA SER A 180 -18.42 0.01 3.21
C SER A 180 -17.22 0.18 2.29
N GLU A 181 -17.08 1.36 1.67
CA GLU A 181 -15.98 1.53 0.73
C GLU A 181 -14.62 1.59 1.43
N ALA A 182 -14.57 2.13 2.64
CA ALA A 182 -13.30 2.08 3.38
C ALA A 182 -12.96 0.65 3.79
N ALA A 183 -13.97 -0.18 4.07
CA ALA A 183 -13.67 -1.58 4.33
C ALA A 183 -13.16 -2.27 3.08
N ARG A 184 -13.68 -1.90 1.92
CA ARG A 184 -13.29 -2.54 0.67
C ARG A 184 -11.89 -2.15 0.21
N PHE A 185 -11.45 -0.93 0.53
CA PHE A 185 -10.22 -0.36 -0.01
C PHE A 185 -9.39 0.26 1.10
N GLN A 186 -8.15 -0.23 1.28
CA GLN A 186 -7.24 0.48 2.18
C GLN A 186 -7.00 1.91 1.70
N TYR A 187 -7.02 2.13 0.38
CA TYR A 187 -6.77 3.46 -0.15
C TYR A 187 -7.82 4.45 0.34
N ILE A 188 -9.10 4.03 0.34
CA ILE A 188 -10.16 4.90 0.81
C ILE A 188 -10.13 5.03 2.34
N GLU A 189 -9.80 3.92 3.03
CA GLU A 189 -9.55 4.03 4.47
C GLU A 189 -8.50 5.11 4.75
N GLY A 190 -7.42 5.14 3.97
CA GLY A 190 -6.42 6.16 4.13
C GLY A 190 -6.92 7.56 3.81
N GLU A 191 -7.84 7.67 2.85
CA GLU A 191 -8.44 8.96 2.52
C GLU A 191 -9.26 9.51 3.68
N MET A 192 -9.99 8.65 4.39
CA MET A 192 -10.71 9.14 5.56
C MET A 192 -9.76 9.47 6.71
N ARG A 193 -8.63 8.75 6.79
CA ARG A 193 -7.63 9.07 7.79
C ARG A 193 -7.04 10.46 7.58
N THR A 194 -6.80 10.83 6.31
N THR A 194 -6.82 10.85 6.31
CA THR A 194 -6.27 12.16 6.04
CA THR A 194 -6.24 12.17 6.06
C THR A 194 -7.24 13.25 6.47
C THR A 194 -7.23 13.28 6.37
N ARG A 195 -8.54 13.01 6.26
CA ARG A 195 -9.52 14.01 6.66
C ARG A 195 -9.55 14.18 8.18
N ILE A 196 -9.37 13.07 8.91
CA ILE A 196 -9.32 13.14 10.37
C ILE A 196 -8.00 13.77 10.82
N ARG A 197 -6.90 13.50 10.11
CA ARG A 197 -5.62 14.08 10.46
C ARG A 197 -5.64 15.61 10.34
N TYR A 198 -6.27 16.12 9.28
CA TYR A 198 -6.38 17.55 9.06
C TYR A 198 -7.57 18.18 9.77
N ASN A 199 -8.46 17.37 10.35
CA ASN A 199 -9.72 17.85 10.92
C ASN A 199 -10.47 18.70 9.88
N ARG A 200 -10.51 18.19 8.65
CA ARG A 200 -11.13 18.89 7.52
C ARG A 200 -12.07 17.94 6.79
N ARG A 201 -13.21 18.48 6.35
CA ARG A 201 -14.14 17.77 5.50
C ARG A 201 -13.88 18.15 4.05
N SER A 202 -14.03 17.18 3.15
CA SER A 202 -13.83 17.42 1.73
C SER A 202 -14.45 16.27 0.94
N ALA A 203 -14.85 16.58 -0.29
CA ALA A 203 -15.42 15.58 -1.18
C ALA A 203 -14.33 14.64 -1.69
N PRO A 204 -14.68 13.41 -2.04
CA PRO A 204 -13.67 12.49 -2.58
C PRO A 204 -13.25 12.89 -3.98
N ASP A 205 -11.95 12.74 -4.27
CA ASP A 205 -11.40 13.13 -5.57
C ASP A 205 -11.57 12.00 -6.57
N PRO A 206 -11.25 12.23 -7.86
CA PRO A 206 -11.58 11.22 -8.88
C PRO A 206 -10.94 9.86 -8.68
N SER A 207 -9.79 9.78 -8.01
CA SER A 207 -9.17 8.48 -7.75
C SER A 207 -10.05 7.62 -6.86
N VAL A 208 -10.70 8.25 -5.88
CA VAL A 208 -11.58 7.52 -4.97
C VAL A 208 -12.84 7.08 -5.71
N ILE A 209 -13.45 7.99 -6.46
CA ILE A 209 -14.72 7.70 -7.11
C ILE A 209 -14.56 6.55 -8.12
N THR A 210 -13.47 6.56 -8.88
CA THR A 210 -13.27 5.52 -9.88
C THR A 210 -12.95 4.17 -9.24
N LEU A 211 -12.22 4.16 -8.11
CA LEU A 211 -12.03 2.91 -7.40
C LEU A 211 -13.36 2.34 -6.93
N GLU A 212 -14.22 3.19 -6.35
CA GLU A 212 -15.55 2.76 -5.97
C GLU A 212 -16.30 2.17 -7.15
N ASN A 213 -16.29 2.87 -8.28
CA ASN A 213 -17.00 2.41 -9.47
C ASN A 213 -16.43 1.10 -10.02
N SER A 214 -15.18 0.77 -9.71
CA SER A 214 -14.47 -0.34 -10.32
C SER A 214 -14.36 -1.57 -9.43
N TRP A 215 -14.92 -1.53 -8.22
CA TRP A 215 -14.69 -2.63 -7.27
C TRP A 215 -15.13 -3.96 -7.85
N GLY A 216 -16.30 -4.01 -8.49
CA GLY A 216 -16.77 -5.26 -9.09
C GLY A 216 -15.91 -5.72 -10.25
N ARG A 217 -15.51 -4.79 -11.12
CA ARG A 217 -14.63 -5.16 -12.24
C ARG A 217 -13.27 -5.61 -11.73
N LEU A 218 -12.75 -4.96 -10.69
CA LEU A 218 -11.45 -5.33 -10.15
C LEU A 218 -11.50 -6.72 -9.52
N SER A 219 -12.58 -7.04 -8.81
CA SER A 219 -12.71 -8.37 -8.24
C SER A 219 -12.72 -9.44 -9.33
N THR A 220 -13.43 -9.17 -10.44
CA THR A 220 -13.48 -10.12 -11.54
C THR A 220 -12.11 -10.27 -12.20
N ALA A 221 -11.45 -9.14 -12.50
CA ALA A 221 -10.17 -9.19 -13.20
C ALA A 221 -9.12 -9.95 -12.40
N ILE A 222 -9.11 -9.75 -11.09
CA ILE A 222 -8.14 -10.43 -10.24
C ILE A 222 -8.43 -11.93 -10.17
N GLN A 223 -9.69 -12.29 -9.92
CA GLN A 223 -10.02 -13.70 -9.73
C GLN A 223 -10.01 -14.48 -11.03
N GLU A 224 -10.09 -13.81 -12.18
CA GLU A 224 -9.97 -14.50 -13.47
C GLU A 224 -8.55 -14.52 -14.02
N SER A 225 -7.62 -13.82 -13.36
CA SER A 225 -6.32 -13.56 -13.94
C SER A 225 -5.49 -14.83 -14.07
N ASN A 226 -4.57 -14.81 -15.05
CA ASN A 226 -3.60 -15.88 -15.25
C ASN A 226 -2.37 -15.54 -14.42
N GLN A 227 -2.27 -16.15 -13.24
CA GLN A 227 -1.16 -15.91 -12.30
C GLN A 227 -0.98 -14.42 -12.04
N GLY A 228 -2.09 -13.71 -11.86
CA GLY A 228 -2.07 -12.30 -11.56
C GLY A 228 -2.15 -11.37 -12.75
N ALA A 229 -1.87 -11.86 -13.95
CA ALA A 229 -1.86 -11.02 -15.15
C ALA A 229 -3.27 -10.93 -15.71
N PHE A 230 -3.70 -9.72 -16.04
CA PHE A 230 -5.03 -9.50 -16.57
C PHE A 230 -5.07 -9.78 -18.07
N ALA A 231 -6.21 -10.30 -18.52
CA ALA A 231 -6.44 -10.45 -19.95
C ALA A 231 -6.53 -9.10 -20.64
N SER A 232 -7.28 -8.17 -20.05
CA SER A 232 -7.43 -6.83 -20.57
C SER A 232 -7.16 -5.82 -19.46
N PRO A 233 -6.59 -4.67 -19.79
CA PRO A 233 -6.28 -3.68 -18.76
C PRO A 233 -7.55 -3.03 -18.23
N ILE A 234 -7.43 -2.52 -17.01
CA ILE A 234 -8.49 -1.74 -16.37
C ILE A 234 -8.00 -0.31 -16.24
N GLN A 235 -8.81 0.64 -16.71
CA GLN A 235 -8.48 2.05 -16.57
C GLN A 235 -8.92 2.56 -15.21
N LEU A 236 -8.01 3.22 -14.50
CA LEU A 236 -8.31 3.91 -13.26
C LEU A 236 -7.97 5.39 -13.43
N GLN A 237 -8.23 6.18 -12.39
CA GLN A 237 -8.02 7.61 -12.41
C GLN A 237 -7.00 8.03 -11.35
N ARG A 238 -6.16 8.99 -11.71
CA ARG A 238 -5.27 9.65 -10.76
C ARG A 238 -6.05 10.71 -9.98
N ARG A 239 -5.40 11.33 -9.00
CA ARG A 239 -6.06 12.39 -8.23
C ARG A 239 -6.41 13.59 -9.11
N ASN A 240 -5.61 13.87 -10.13
CA ASN A 240 -5.89 14.98 -11.04
C ASN A 240 -6.82 14.61 -12.17
N GLY A 241 -7.42 13.42 -12.13
CA GLY A 241 -8.40 13.02 -13.11
C GLY A 241 -7.86 12.31 -14.34
N SER A 242 -6.55 12.27 -14.53
CA SER A 242 -6.00 11.60 -15.69
C SER A 242 -6.12 10.09 -15.54
N LYS A 243 -6.11 9.40 -16.67
CA LYS A 243 -6.32 7.96 -16.73
C LYS A 243 -4.99 7.22 -16.85
N PHE A 244 -4.94 6.04 -16.25
CA PHE A 244 -3.82 5.11 -16.45
C PHE A 244 -4.35 3.69 -16.41
N SER A 245 -3.58 2.78 -17.01
CA SER A 245 -4.00 1.39 -17.17
C SER A 245 -3.29 0.50 -16.16
N VAL A 246 -4.04 -0.45 -15.60
CA VAL A 246 -3.54 -1.47 -14.70
C VAL A 246 -3.58 -2.81 -15.42
N TYR A 247 -2.44 -3.51 -15.44
CA TYR A 247 -2.30 -4.72 -16.25
C TYR A 247 -2.18 -6.01 -15.44
N ASP A 248 -1.98 -5.93 -14.13
CA ASP A 248 -1.93 -7.13 -13.31
C ASP A 248 -2.21 -6.76 -11.87
N VAL A 249 -2.30 -7.79 -11.01
CA VAL A 249 -2.80 -7.60 -9.65
C VAL A 249 -1.82 -6.89 -8.73
N SER A 250 -0.53 -6.89 -9.04
CA SER A 250 0.49 -6.53 -8.04
C SER A 250 0.29 -5.11 -7.51
N ILE A 251 0.09 -4.14 -8.41
CA ILE A 251 -0.07 -2.75 -8.01
C ILE A 251 -1.27 -2.53 -7.10
N LEU A 252 -2.22 -3.47 -7.06
CA LEU A 252 -3.48 -3.29 -6.35
C LEU A 252 -3.48 -3.87 -4.95
N ILE A 253 -2.49 -4.70 -4.61
CA ILE A 253 -2.45 -5.38 -3.32
C ILE A 253 -2.53 -4.40 -2.15
N PRO A 254 -1.81 -3.27 -2.15
CA PRO A 254 -1.96 -2.31 -1.05
C PRO A 254 -3.22 -1.46 -1.14
N ILE A 255 -4.00 -1.59 -2.21
CA ILE A 255 -5.08 -0.67 -2.52
C ILE A 255 -6.45 -1.26 -2.20
N ILE A 256 -6.68 -2.52 -2.60
CA ILE A 256 -7.95 -3.19 -2.38
C ILE A 256 -7.79 -4.19 -1.24
N ALA A 257 -8.78 -4.23 -0.35
CA ALA A 257 -8.73 -5.04 0.85
C ALA A 257 -9.73 -6.18 0.88
N LEU A 258 -10.81 -6.09 0.10
CA LEU A 258 -11.85 -7.12 0.04
C LEU A 258 -12.31 -7.27 -1.39
N MET A 259 -12.71 -8.49 -1.75
CA MET A 259 -13.26 -8.76 -3.08
C MET A 259 -14.53 -9.59 -2.96
N VAL A 260 -15.51 -9.25 -3.80
CA VAL A 260 -16.70 -10.09 -3.90
C VAL A 260 -16.33 -11.40 -4.57
N TYR A 261 -16.91 -12.49 -4.10
CA TYR A 261 -16.63 -13.82 -4.63
C TYR A 261 -17.08 -13.93 -6.08
N ARG A 262 -16.14 -14.25 -6.98
CA ARG A 262 -16.45 -14.45 -8.39
C ARG A 262 -16.33 -15.90 -8.84
N CYS A 263 -15.43 -16.67 -8.25
CA CYS A 263 -15.23 -18.06 -8.63
C CYS A 263 -14.47 -18.75 -7.51
N ALA A 264 -14.31 -20.07 -7.65
CA ALA A 264 -13.58 -20.85 -6.66
C ALA A 264 -12.09 -20.49 -6.69
N PRO A 265 -11.38 -20.64 -5.56
CA PRO A 265 -9.95 -20.40 -5.53
C PRO A 265 -9.16 -21.48 -6.27
N LYS B 8 31.72 -12.52 12.42
CA LYS B 8 30.34 -12.31 12.82
C LYS B 8 29.38 -12.82 11.76
N GLN B 9 28.23 -13.31 12.20
CA GLN B 9 27.22 -13.91 11.34
C GLN B 9 26.04 -12.96 11.22
N TYR B 10 25.89 -12.33 10.05
CA TYR B 10 24.80 -11.43 9.76
C TYR B 10 23.70 -12.14 8.98
N PRO B 11 22.44 -11.70 9.11
CA PRO B 11 21.36 -12.33 8.36
C PRO B 11 21.63 -12.30 6.86
N ILE B 12 21.29 -13.40 6.20
CA ILE B 12 21.53 -13.54 4.76
C ILE B 12 20.22 -13.86 4.06
N ILE B 13 20.00 -13.18 2.92
CA ILE B 13 18.83 -13.38 2.08
C ILE B 13 19.32 -13.73 0.69
N ASN B 14 18.75 -14.79 0.09
CA ASN B 14 19.21 -15.33 -1.17
C ASN B 14 18.24 -14.98 -2.30
N PHE B 15 18.79 -14.63 -3.46
CA PHE B 15 18.02 -14.44 -4.67
C PHE B 15 18.81 -14.99 -5.86
N THR B 16 18.12 -15.59 -6.81
CA THR B 16 18.76 -16.04 -8.03
C THR B 16 17.99 -15.56 -9.25
N THR B 17 18.72 -15.17 -10.29
CA THR B 17 18.10 -14.84 -11.57
C THR B 17 17.71 -16.08 -12.37
N ALA B 18 18.12 -17.26 -11.93
CA ALA B 18 17.80 -18.50 -12.62
C ALA B 18 16.39 -18.91 -12.25
N GLY B 19 15.45 -18.73 -13.17
CA GLY B 19 14.06 -19.02 -12.88
C GLY B 19 13.34 -17.95 -12.11
N ALA B 20 13.85 -16.71 -12.15
CA ALA B 20 13.23 -15.62 -11.40
C ALA B 20 11.79 -15.40 -11.85
N THR B 21 10.92 -15.16 -10.88
CA THR B 21 9.51 -14.92 -11.14
C THR B 21 9.04 -13.71 -10.35
N VAL B 22 7.80 -13.29 -10.60
CA VAL B 22 7.20 -12.26 -9.77
C VAL B 22 7.21 -12.70 -8.31
N GLN B 23 6.83 -13.96 -8.05
CA GLN B 23 6.75 -14.42 -6.68
C GLN B 23 8.11 -14.45 -6.00
N SER B 24 9.15 -14.94 -6.69
CA SER B 24 10.46 -15.05 -6.05
C SER B 24 11.09 -13.69 -5.83
N TYR B 25 10.86 -12.73 -6.74
CA TYR B 25 11.39 -11.39 -6.52
C TYR B 25 10.64 -10.67 -5.40
N THR B 26 9.31 -10.88 -5.32
CA THR B 26 8.54 -10.31 -4.22
C THR B 26 8.99 -10.86 -2.88
N ASN B 27 9.11 -12.19 -2.79
CA ASN B 27 9.58 -12.81 -1.54
C ASN B 27 10.94 -12.26 -1.14
N PHE B 28 11.78 -11.98 -2.12
CA PHE B 28 13.14 -11.51 -1.85
C PHE B 28 13.14 -10.11 -1.26
N ILE B 29 12.44 -9.16 -1.89
CA ILE B 29 12.46 -7.78 -1.42
C ILE B 29 11.76 -7.67 -0.07
N ARG B 30 10.67 -8.43 0.12
CA ARG B 30 9.99 -8.45 1.41
C ARG B 30 10.91 -8.98 2.51
N ALA B 31 11.72 -9.99 2.19
CA ALA B 31 12.67 -10.51 3.18
C ALA B 31 13.74 -9.47 3.51
N VAL B 32 14.24 -8.77 2.49
CA VAL B 32 15.21 -7.71 2.74
C VAL B 32 14.63 -6.63 3.65
N ARG B 33 13.42 -6.16 3.32
CA ARG B 33 12.77 -5.16 4.16
C ARG B 33 12.60 -5.65 5.59
N GLY B 34 12.20 -6.92 5.76
CA GLY B 34 12.04 -7.48 7.09
C GLY B 34 13.34 -7.57 7.87
N ARG B 35 14.48 -7.60 7.18
CA ARG B 35 15.78 -7.64 7.83
C ARG B 35 16.36 -6.26 8.06
N LEU B 36 15.93 -5.26 7.28
CA LEU B 36 16.41 -3.91 7.47
C LEU B 36 15.76 -3.25 8.68
N THR B 37 14.47 -3.49 8.88
CA THR B 37 13.69 -2.88 9.95
C THR B 37 13.04 -3.94 10.82
N THR B 38 12.92 -3.64 12.11
CA THR B 38 12.10 -4.45 12.99
C THR B 38 10.62 -4.11 12.88
N GLY B 39 10.29 -2.92 12.39
CA GLY B 39 8.93 -2.45 12.34
C GLY B 39 8.47 -1.72 13.58
N ALA B 40 9.35 -1.52 14.56
CA ALA B 40 8.96 -0.86 15.80
C ALA B 40 8.79 0.65 15.62
N ASP B 41 9.56 1.26 14.73
CA ASP B 41 9.51 2.70 14.48
C ASP B 41 8.75 2.94 13.18
N VAL B 42 7.55 3.49 13.30
CA VAL B 42 6.68 3.75 12.14
C VAL B 42 6.11 5.16 12.28
N ARG B 43 6.22 5.95 11.22
CA ARG B 43 5.62 7.29 11.18
C ARG B 43 4.69 7.37 9.98
N HIS B 44 3.42 7.69 10.24
CA HIS B 44 2.44 7.84 9.16
C HIS B 44 2.39 6.58 8.29
N GLU B 45 2.50 5.42 8.94
CA GLU B 45 2.43 4.09 8.35
C GLU B 45 3.68 3.72 7.54
N ILE B 46 4.77 4.46 7.68
CA ILE B 46 5.99 4.22 6.91
C ILE B 46 7.09 3.80 7.88
N PRO B 47 7.67 2.60 7.72
CA PRO B 47 8.71 2.15 8.65
C PRO B 47 9.98 3.00 8.54
N VAL B 48 10.65 3.15 9.68
CA VAL B 48 11.91 3.88 9.76
C VAL B 48 13.04 2.90 10.05
N LEU B 49 14.15 3.08 9.33
CA LEU B 49 15.33 2.26 9.54
C LEU B 49 15.94 2.54 10.92
N PRO B 50 16.75 1.61 11.43
CA PRO B 50 17.33 1.82 12.76
C PRO B 50 18.21 3.06 12.82
N ASN B 51 18.23 3.69 13.99
CA ASN B 51 19.08 4.84 14.26
C ASN B 51 20.54 4.38 14.37
N ARG B 52 21.40 4.95 13.53
CA ARG B 52 22.81 4.56 13.48
C ARG B 52 23.52 4.84 14.81
N VAL B 53 23.03 5.80 15.58
CA VAL B 53 23.74 6.29 16.76
C VAL B 53 23.63 5.25 17.89
N GLY B 54 24.77 4.65 18.24
CA GLY B 54 24.82 3.63 19.27
C GLY B 54 24.36 2.26 18.85
N LEU B 55 24.04 2.05 17.58
CA LEU B 55 23.57 0.75 17.10
C LEU B 55 24.69 -0.26 17.21
N PRO B 56 24.50 -1.39 17.89
CA PRO B 56 25.58 -2.38 18.01
C PRO B 56 26.02 -2.90 16.65
N ILE B 57 27.33 -3.15 16.55
CA ILE B 57 27.93 -3.60 15.28
C ILE B 57 27.32 -4.91 14.82
N ASN B 58 26.90 -5.77 15.75
CA ASN B 58 26.33 -7.06 15.36
C ASN B 58 24.95 -6.93 14.73
N GLN B 59 24.35 -5.74 14.76
CA GLN B 59 23.06 -5.48 14.12
C GLN B 59 23.17 -4.51 12.95
N ARG B 60 24.38 -4.23 12.49
CA ARG B 60 24.59 -3.12 11.57
C ARG B 60 24.38 -3.51 10.11
N PHE B 61 24.55 -4.78 9.75
CA PHE B 61 24.57 -5.18 8.35
C PHE B 61 23.66 -6.37 8.10
N ILE B 62 23.21 -6.50 6.85
CA ILE B 62 22.62 -7.73 6.34
C ILE B 62 23.34 -8.09 5.05
N LEU B 63 23.20 -9.35 4.65
CA LEU B 63 23.87 -9.89 3.48
C LEU B 63 22.84 -10.34 2.45
N VAL B 64 23.13 -10.06 1.18
CA VAL B 64 22.30 -10.49 0.06
C VAL B 64 23.17 -11.32 -0.86
N GLU B 65 22.87 -12.62 -0.96
CA GLU B 65 23.61 -13.54 -1.81
C GLU B 65 22.89 -13.68 -3.15
N LEU B 66 23.56 -13.28 -4.22
CA LEU B 66 23.00 -13.32 -5.57
C LEU B 66 23.66 -14.44 -6.36
N SER B 67 22.84 -15.24 -7.04
CA SER B 67 23.31 -16.28 -7.94
C SER B 67 22.62 -16.13 -9.29
N ASN B 68 23.21 -16.70 -10.33
CA ASN B 68 22.67 -16.54 -11.68
C ASN B 68 22.72 -17.88 -12.41
N HIS B 69 22.34 -17.87 -13.70
CA HIS B 69 22.29 -19.09 -14.49
C HIS B 69 23.65 -19.75 -14.61
N ALA B 70 24.72 -18.95 -14.68
CA ALA B 70 26.07 -19.51 -14.73
C ALA B 70 26.48 -20.13 -13.41
N GLU B 71 25.61 -20.06 -12.40
CA GLU B 71 25.84 -20.63 -11.07
C GLU B 71 27.04 -20.01 -10.38
N LEU B 72 27.29 -18.74 -10.69
CA LEU B 72 28.19 -17.91 -9.91
C LEU B 72 27.41 -17.20 -8.82
N SER B 73 28.07 -16.95 -7.69
CA SER B 73 27.46 -16.30 -6.55
C SER B 73 28.33 -15.16 -6.05
N VAL B 74 27.70 -14.05 -5.67
CA VAL B 74 28.36 -12.95 -5.00
C VAL B 74 27.49 -12.56 -3.81
N THR B 75 28.12 -12.02 -2.77
CA THR B 75 27.41 -11.62 -1.57
C THR B 75 27.58 -10.12 -1.35
N LEU B 76 26.47 -9.39 -1.42
CA LEU B 76 26.43 -7.97 -1.14
C LEU B 76 26.20 -7.75 0.35
N ALA B 77 26.86 -6.73 0.91
CA ALA B 77 26.64 -6.32 2.28
C ALA B 77 25.87 -5.01 2.29
N LEU B 78 24.78 -4.95 3.04
CA LEU B 78 23.92 -3.78 3.11
C LEU B 78 23.98 -3.18 4.51
N ASP B 79 24.05 -1.86 4.57
CA ASP B 79 24.01 -1.12 5.84
C ASP B 79 22.55 -0.92 6.22
N VAL B 80 22.14 -1.42 7.38
CA VAL B 80 20.72 -1.37 7.73
C VAL B 80 20.24 0.05 8.00
N THR B 81 21.14 0.97 8.28
CA THR B 81 20.72 2.34 8.62
C THR B 81 20.31 3.15 7.40
N ASN B 82 20.78 2.79 6.20
CA ASN B 82 20.35 3.46 4.97
C ASN B 82 20.05 2.50 3.83
N ALA B 83 20.08 1.19 4.08
CA ALA B 83 19.75 0.14 3.10
C ALA B 83 20.66 0.14 1.89
N TYR B 84 21.82 0.78 1.98
CA TYR B 84 22.70 0.89 0.83
C TYR B 84 23.82 -0.13 0.88
N VAL B 85 24.32 -0.48 -0.30
CA VAL B 85 25.41 -1.43 -0.42
C VAL B 85 26.72 -0.77 0.00
N VAL B 86 27.46 -1.44 0.87
CA VAL B 86 28.77 -0.96 1.30
C VAL B 86 29.92 -1.76 0.71
N GLY B 87 29.66 -2.92 0.14
CA GLY B 87 30.72 -3.76 -0.40
C GLY B 87 30.17 -5.11 -0.79
N TYR B 88 31.06 -5.97 -1.27
CA TYR B 88 30.63 -7.31 -1.66
C TYR B 88 31.79 -8.27 -1.60
N ARG B 89 31.45 -9.57 -1.56
CA ARG B 89 32.41 -10.66 -1.55
C ARG B 89 32.24 -11.51 -2.80
N ALA B 90 33.35 -11.82 -3.45
CA ALA B 90 33.38 -12.75 -4.58
C ALA B 90 34.56 -13.69 -4.37
N GLY B 91 34.27 -14.98 -4.18
CA GLY B 91 35.35 -15.95 -4.00
C GLY B 91 36.20 -15.59 -2.80
N ASN B 92 37.51 -15.46 -3.04
CA ASN B 92 38.48 -15.18 -1.98
C ASN B 92 38.79 -13.69 -1.82
N SER B 93 37.94 -12.79 -2.34
CA SER B 93 38.19 -11.37 -2.22
C SER B 93 36.92 -10.64 -1.83
N ALA B 94 37.07 -9.60 -1.02
CA ALA B 94 36.00 -8.67 -0.70
C ALA B 94 36.42 -7.26 -1.07
N TYR B 95 35.51 -6.49 -1.64
CA TYR B 95 35.73 -5.12 -2.08
C TYR B 95 34.76 -4.20 -1.37
N PHE B 96 35.24 -3.04 -0.91
CA PHE B 96 34.43 -2.09 -0.16
C PHE B 96 34.54 -0.70 -0.76
N PHE B 97 33.42 0.02 -0.79
CA PHE B 97 33.45 1.42 -1.16
C PHE B 97 34.23 2.21 -0.10
N HIS B 98 34.79 3.34 -0.52
CA HIS B 98 35.55 4.15 0.41
C HIS B 98 34.62 4.65 1.52
N PRO B 99 34.92 4.37 2.79
CA PRO B 99 34.03 4.81 3.86
C PRO B 99 34.10 6.33 4.03
N ASP B 100 32.94 6.93 4.32
CA ASP B 100 32.85 8.38 4.44
C ASP B 100 33.46 8.90 5.73
N ASN B 101 33.62 8.05 6.73
CA ASN B 101 34.04 8.50 8.05
C ASN B 101 34.60 7.31 8.81
N GLN B 102 35.09 7.58 10.00
CA GLN B 102 35.98 6.60 10.64
C GLN B 102 35.22 5.48 11.34
N GLU B 103 34.01 5.76 11.83
CA GLU B 103 33.18 4.71 12.40
C GLU B 103 32.72 3.73 11.33
N ASP B 104 32.41 4.24 10.13
CA ASP B 104 32.09 3.35 9.02
C ASP B 104 33.30 2.53 8.60
N ALA B 105 34.49 3.16 8.63
CA ALA B 105 35.70 2.41 8.31
C ALA B 105 35.92 1.28 9.31
N GLU B 106 35.68 1.57 10.60
CA GLU B 106 35.78 0.52 11.61
C GLU B 106 34.69 -0.53 11.44
N ALA B 107 33.49 -0.11 11.06
CA ALA B 107 32.36 -1.04 10.99
C ALA B 107 32.58 -2.11 9.93
N ILE B 108 33.06 -1.72 8.74
CA ILE B 108 33.18 -2.69 7.65
C ILE B 108 34.32 -3.67 7.87
N THR B 109 35.18 -3.45 8.87
CA THR B 109 36.16 -4.47 9.21
C THR B 109 35.54 -5.70 9.83
N HIS B 110 34.27 -5.62 10.24
CA HIS B 110 33.55 -6.76 10.80
C HIS B 110 32.83 -7.58 9.75
N LEU B 111 32.99 -7.23 8.47
CA LEU B 111 32.33 -7.91 7.37
C LEU B 111 33.33 -8.80 6.64
N PHE B 112 32.87 -10.00 6.26
CA PHE B 112 33.67 -10.94 5.47
C PHE B 112 35.05 -11.14 6.11
N THR B 113 35.06 -11.39 7.42
CA THR B 113 36.31 -11.35 8.17
C THR B 113 37.23 -12.50 7.85
N ASP B 114 36.71 -13.57 7.25
CA ASP B 114 37.52 -14.73 6.89
C ASP B 114 38.03 -14.68 5.46
N VAL B 115 37.69 -13.64 4.71
CA VAL B 115 38.11 -13.56 3.32
C VAL B 115 39.62 -13.35 3.24
N GLN B 116 40.25 -13.97 2.24
CA GLN B 116 41.71 -13.93 2.17
C GLN B 116 42.22 -12.57 1.75
N ASN B 117 41.50 -11.84 0.89
CA ASN B 117 41.93 -10.53 0.42
C ASN B 117 40.84 -9.50 0.63
N ARG B 118 41.21 -8.36 1.20
CA ARG B 118 40.29 -7.25 1.40
C ARG B 118 40.78 -6.04 0.62
N TYR B 119 39.88 -5.41 -0.13
CA TYR B 119 40.20 -4.23 -0.92
C TYR B 119 39.22 -3.11 -0.58
N THR B 120 39.74 -1.89 -0.51
CA THR B 120 38.92 -0.70 -0.35
C THR B 120 39.14 0.22 -1.54
N PHE B 121 38.10 0.45 -2.33
CA PHE B 121 38.17 1.40 -3.42
C PHE B 121 38.43 2.81 -2.88
N ALA B 122 38.99 3.66 -3.74
CA ALA B 122 39.16 5.07 -3.40
C ALA B 122 37.89 5.88 -3.59
N PHE B 123 36.88 5.31 -4.24
CA PHE B 123 35.63 6.00 -4.52
C PHE B 123 34.52 5.45 -3.64
N GLY B 124 33.53 6.31 -3.38
CA GLY B 124 32.33 5.89 -2.68
C GLY B 124 31.27 5.34 -3.63
N GLY B 125 30.21 4.78 -3.06
CA GLY B 125 29.18 4.12 -3.83
C GLY B 125 28.01 4.98 -4.23
N ASN B 126 28.21 6.30 -4.30
CA ASN B 126 27.14 7.20 -4.73
C ASN B 126 26.99 7.17 -6.25
N TYR B 127 25.79 7.50 -6.72
CA TYR B 127 25.49 7.41 -8.14
C TYR B 127 26.37 8.32 -8.97
N ASP B 128 26.65 9.53 -8.48
CA ASP B 128 27.44 10.49 -9.24
C ASP B 128 28.80 9.91 -9.61
N ARG B 129 29.46 9.25 -8.66
CA ARG B 129 30.77 8.67 -8.95
C ARG B 129 30.65 7.41 -9.81
N LEU B 130 29.69 6.53 -9.47
CA LEU B 130 29.54 5.29 -10.22
C LEU B 130 29.18 5.57 -11.68
N GLU B 131 28.31 6.55 -11.92
CA GLU B 131 27.97 6.93 -13.29
C GLU B 131 29.19 7.41 -14.04
N GLN B 132 30.05 8.21 -13.40
CA GLN B 132 31.26 8.66 -14.05
C GLN B 132 32.19 7.49 -14.37
N LEU B 133 32.31 6.54 -13.45
CA LEU B 133 33.16 5.38 -13.70
C LEU B 133 32.57 4.49 -14.79
N ALA B 134 31.24 4.34 -14.81
CA ALA B 134 30.60 3.51 -15.82
C ALA B 134 30.55 4.17 -17.19
N GLY B 135 30.73 5.48 -17.26
CA GLY B 135 30.57 6.16 -18.53
C GLY B 135 29.15 6.26 -19.01
N ASN B 136 28.17 6.19 -18.11
CA ASN B 136 26.76 6.30 -18.47
C ASN B 136 25.95 6.68 -17.24
N LEU B 137 24.89 7.45 -17.49
CA LEU B 137 23.91 7.77 -16.45
C LEU B 137 22.92 6.63 -16.26
N ARG B 138 22.28 6.62 -15.09
CA ARG B 138 21.28 5.58 -14.78
C ARG B 138 20.21 5.48 -15.86
N GLU B 139 19.81 6.62 -16.45
CA GLU B 139 18.78 6.60 -17.48
C GLU B 139 19.26 5.97 -18.78
N ASN B 140 20.54 5.64 -18.91
CA ASN B 140 21.05 4.94 -20.07
C ASN B 140 21.59 3.56 -19.72
N ILE B 141 21.17 3.00 -18.59
CA ILE B 141 21.60 1.68 -18.13
C ILE B 141 20.35 0.84 -17.90
N GLU B 142 20.19 -0.21 -18.70
CA GLU B 142 18.98 -1.00 -18.64
C GLU B 142 18.92 -1.85 -17.37
N LEU B 143 17.72 -2.06 -16.86
CA LEU B 143 17.47 -2.92 -15.72
C LEU B 143 16.55 -4.06 -16.14
N GLY B 144 16.51 -5.11 -15.32
CA GLY B 144 15.75 -6.30 -15.60
C GLY B 144 16.48 -7.54 -15.14
N ASN B 145 15.90 -8.72 -15.36
CA ASN B 145 16.59 -9.95 -14.96
C ASN B 145 17.85 -10.18 -15.76
N GLY B 146 17.86 -9.77 -17.03
CA GLY B 146 19.01 -9.92 -17.90
C GLY B 146 20.20 -9.11 -17.43
N PRO B 147 20.01 -7.79 -17.27
CA PRO B 147 21.08 -6.97 -16.68
C PRO B 147 21.58 -7.48 -15.34
N LEU B 148 20.69 -8.01 -14.49
CA LEU B 148 21.13 -8.49 -13.19
C LEU B 148 22.00 -9.75 -13.33
N GLU B 149 21.58 -10.68 -14.19
CA GLU B 149 22.38 -11.85 -14.51
C GLU B 149 23.80 -11.45 -14.92
N GLU B 150 23.92 -10.46 -15.81
CA GLU B 150 25.22 -10.04 -16.31
C GLU B 150 26.02 -9.29 -15.26
N ALA B 151 25.33 -8.52 -14.41
CA ALA B 151 26.02 -7.81 -13.34
C ALA B 151 26.63 -8.78 -12.33
N ILE B 152 25.91 -9.87 -12.04
CA ILE B 152 26.42 -10.86 -11.09
C ILE B 152 27.72 -11.48 -11.62
N SER B 153 27.74 -11.86 -12.90
CA SER B 153 28.97 -12.41 -13.47
C SER B 153 30.09 -11.38 -13.47
N ALA B 154 29.77 -10.12 -13.77
CA ALA B 154 30.79 -9.09 -13.81
C ALA B 154 31.40 -8.87 -12.42
N LEU B 155 30.55 -8.80 -11.39
CA LEU B 155 31.07 -8.67 -10.02
C LEU B 155 31.94 -9.86 -9.65
N TYR B 156 31.56 -11.06 -10.09
CA TYR B 156 32.33 -12.24 -9.72
C TYR B 156 33.71 -12.23 -10.36
N TYR B 157 33.80 -11.89 -11.64
CA TYR B 157 35.08 -11.99 -12.33
C TYR B 157 35.99 -10.80 -12.10
N TYR B 158 35.53 -9.76 -11.40
CA TYR B 158 36.46 -8.71 -11.00
C TYR B 158 37.53 -9.26 -10.07
N SER B 159 37.21 -10.31 -9.31
CA SER B 159 38.15 -10.87 -8.35
C SER B 159 39.39 -11.46 -9.02
N THR B 160 39.32 -11.77 -10.32
CA THR B 160 40.46 -12.27 -11.07
C THR B 160 40.85 -11.34 -12.22
N GLY B 161 40.43 -10.08 -12.15
CA GLY B 161 40.80 -9.10 -13.17
C GLY B 161 40.08 -9.24 -14.49
N GLY B 162 39.09 -10.12 -14.60
CA GLY B 162 38.37 -10.36 -15.82
C GLY B 162 37.25 -9.39 -16.12
N THR B 163 37.06 -8.37 -15.28
CA THR B 163 36.06 -7.34 -15.48
C THR B 163 36.75 -5.99 -15.41
N GLN B 164 36.49 -5.13 -16.40
CA GLN B 164 37.01 -3.78 -16.38
C GLN B 164 36.21 -2.91 -15.42
N LEU B 165 36.85 -1.82 -14.97
CA LEU B 165 36.21 -0.96 -13.98
C LEU B 165 34.89 -0.37 -14.46
N PRO B 166 34.77 0.17 -15.68
CA PRO B 166 33.47 0.70 -16.10
C PRO B 166 32.36 -0.34 -16.06
N THR B 167 32.67 -1.58 -16.43
CA THR B 167 31.67 -2.64 -16.37
C THR B 167 31.29 -2.97 -14.93
N LEU B 168 32.27 -2.95 -14.02
CA LEU B 168 31.97 -3.14 -12.60
C LEU B 168 31.07 -2.04 -12.08
N ALA B 169 31.37 -0.78 -12.42
CA ALA B 169 30.57 0.33 -11.95
C ALA B 169 29.14 0.25 -12.47
N ARG B 170 28.98 -0.12 -13.74
CA ARG B 170 27.65 -0.34 -14.29
C ARG B 170 26.93 -1.48 -13.55
N SER B 171 27.67 -2.53 -13.21
CA SER B 171 27.05 -3.64 -12.49
C SER B 171 26.61 -3.22 -11.09
N PHE B 172 27.40 -2.38 -10.42
CA PHE B 172 26.98 -1.82 -9.13
C PHE B 172 25.68 -1.03 -9.28
N ILE B 173 25.58 -0.20 -10.32
CA ILE B 173 24.38 0.63 -10.50
C ILE B 173 23.15 -0.26 -10.71
N ILE B 174 23.32 -1.38 -11.41
CA ILE B 174 22.22 -2.31 -11.62
C ILE B 174 21.80 -2.95 -10.30
N CYS B 175 22.78 -3.44 -9.52
CA CYS B 175 22.46 -4.12 -8.27
C CYS B 175 21.83 -3.17 -7.26
N ILE B 176 22.36 -1.95 -7.15
CA ILE B 176 21.87 -1.02 -6.15
C ILE B 176 20.41 -0.69 -6.39
N GLN B 177 20.04 -0.45 -7.65
CA GLN B 177 18.64 -0.10 -7.94
C GLN B 177 17.71 -1.28 -7.72
N MET B 178 18.11 -2.49 -8.17
CA MET B 178 17.19 -3.61 -8.11
C MET B 178 17.10 -4.24 -6.73
N ILE B 179 17.94 -3.81 -5.78
CA ILE B 179 17.91 -4.35 -4.42
C ILE B 179 17.67 -3.21 -3.43
N SER B 180 18.62 -2.27 -3.34
CA SER B 180 18.50 -1.19 -2.36
C SER B 180 17.32 -0.27 -2.66
N GLU B 181 17.25 0.25 -3.89
CA GLU B 181 16.17 1.18 -4.21
C GLU B 181 14.81 0.48 -4.20
N ALA B 182 14.77 -0.77 -4.68
CA ALA B 182 13.53 -1.55 -4.63
C ALA B 182 13.06 -1.76 -3.19
N ALA B 183 14.00 -2.02 -2.28
CA ALA B 183 13.63 -2.14 -0.87
C ALA B 183 13.08 -0.83 -0.33
N ARG B 184 13.67 0.31 -0.75
CA ARG B 184 13.26 1.61 -0.23
C ARG B 184 11.88 2.04 -0.73
N PHE B 185 11.53 1.68 -1.96
CA PHE B 185 10.30 2.16 -2.60
C PHE B 185 9.51 0.98 -3.15
N GLN B 186 8.25 0.85 -2.73
CA GLN B 186 7.36 -0.10 -3.40
C GLN B 186 7.20 0.26 -4.87
N TYR B 187 7.25 1.54 -5.20
CA TYR B 187 7.14 1.96 -6.59
C TYR B 187 8.23 1.34 -7.45
N ILE B 188 9.48 1.41 -6.98
CA ILE B 188 10.60 0.85 -7.73
C ILE B 188 10.58 -0.68 -7.68
N GLU B 189 10.15 -1.27 -6.55
CA GLU B 189 9.94 -2.71 -6.51
C GLU B 189 8.97 -3.15 -7.61
N GLY B 190 7.88 -2.39 -7.79
CA GLY B 190 6.91 -2.74 -8.82
C GLY B 190 7.44 -2.56 -10.22
N GLU B 191 8.30 -1.55 -10.43
CA GLU B 191 8.94 -1.38 -11.73
C GLU B 191 9.85 -2.56 -12.07
N MET B 192 10.54 -3.11 -11.07
CA MET B 192 11.35 -4.29 -11.33
C MET B 192 10.49 -5.53 -11.47
N ARG B 193 9.44 -5.64 -10.64
CA ARG B 193 8.49 -6.74 -10.78
C ARG B 193 7.92 -6.82 -12.18
N THR B 194 7.56 -5.68 -12.76
CA THR B 194 6.91 -5.67 -14.07
C THR B 194 7.87 -6.10 -15.17
N ARG B 195 9.12 -5.62 -15.11
CA ARG B 195 10.14 -6.09 -16.04
C ARG B 195 10.29 -7.61 -15.97
N ILE B 196 10.24 -8.18 -14.76
CA ILE B 196 10.38 -9.61 -14.59
C ILE B 196 9.14 -10.33 -15.11
N ARG B 197 7.95 -9.79 -14.83
CA ARG B 197 6.72 -10.47 -15.21
C ARG B 197 6.62 -10.62 -16.73
N TYR B 198 7.01 -9.60 -17.49
CA TYR B 198 6.83 -9.59 -18.93
C TYR B 198 8.14 -9.76 -19.69
N ASN B 199 9.22 -10.13 -19.00
CA ASN B 199 10.52 -10.38 -19.61
C ASN B 199 11.00 -9.15 -20.40
N ARG B 200 11.07 -8.03 -19.71
CA ARG B 200 11.49 -6.78 -20.31
C ARG B 200 12.90 -6.41 -19.84
N ARG B 201 13.45 -5.43 -20.55
CA ARG B 201 14.80 -4.93 -20.27
C ARG B 201 14.77 -3.46 -20.68
N SER B 202 14.91 -2.55 -19.71
CA SER B 202 14.75 -1.14 -20.01
C SER B 202 15.34 -0.30 -18.89
N ALA B 203 15.81 0.89 -19.26
CA ALA B 203 16.36 1.81 -18.28
C ALA B 203 15.23 2.47 -17.49
N PRO B 204 15.51 2.89 -16.25
CA PRO B 204 14.47 3.55 -15.45
C PRO B 204 14.06 4.89 -16.05
N ASP B 205 12.77 5.20 -15.95
CA ASP B 205 12.25 6.47 -16.47
C ASP B 205 12.47 7.57 -15.45
N PRO B 206 12.14 8.83 -15.80
CA PRO B 206 12.38 9.93 -14.84
C PRO B 206 11.64 9.79 -13.52
N SER B 207 10.50 9.09 -13.49
CA SER B 207 9.80 8.94 -12.23
C SER B 207 10.62 8.13 -11.23
N VAL B 208 11.30 7.10 -11.71
CA VAL B 208 12.12 6.28 -10.83
C VAL B 208 13.37 7.03 -10.41
N ILE B 209 14.04 7.70 -11.34
CA ILE B 209 15.31 8.35 -11.03
C ILE B 209 15.12 9.48 -10.03
N THR B 210 14.01 10.22 -10.13
CA THR B 210 13.80 11.33 -9.21
C THR B 210 13.42 10.83 -7.82
N LEU B 211 12.65 9.74 -7.74
CA LEU B 211 12.41 9.12 -6.44
C LEU B 211 13.72 8.72 -5.79
N GLU B 212 14.60 8.08 -6.56
CA GLU B 212 15.91 7.71 -6.04
C GLU B 212 16.66 8.92 -5.51
N ASN B 213 16.65 10.03 -6.27
CA ASN B 213 17.37 11.23 -5.86
C ASN B 213 16.77 11.89 -4.64
N SER B 214 15.50 11.67 -4.34
CA SER B 214 14.80 12.40 -3.30
C SER B 214 14.60 11.60 -2.02
N TRP B 215 15.15 10.37 -1.94
CA TRP B 215 14.87 9.50 -0.80
C TRP B 215 15.28 10.16 0.53
N GLY B 216 16.46 10.77 0.56
CA GLY B 216 16.87 11.48 1.77
C GLY B 216 15.97 12.66 2.09
N ARG B 217 15.61 13.46 1.07
CA ARG B 217 14.77 14.62 1.29
C ARG B 217 13.36 14.22 1.69
N LEU B 218 12.84 13.13 1.10
CA LEU B 218 11.51 12.66 1.50
C LEU B 218 11.51 12.15 2.93
N SER B 219 12.56 11.44 3.33
CA SER B 219 12.66 10.97 4.71
C SER B 219 12.63 12.15 5.68
N THR B 220 13.40 13.19 5.37
CA THR B 220 13.44 14.37 6.24
C THR B 220 12.09 15.09 6.27
N ALA B 221 11.47 15.28 5.09
CA ALA B 221 10.22 16.02 5.04
C ALA B 221 9.12 15.30 5.82
N ILE B 222 9.04 13.98 5.69
CA ILE B 222 7.98 13.23 6.38
C ILE B 222 8.21 13.26 7.89
N GLN B 223 9.46 13.10 8.33
CA GLN B 223 9.72 12.97 9.76
C GLN B 223 9.63 14.30 10.49
N GLU B 224 9.91 15.42 9.80
CA GLU B 224 9.80 16.74 10.39
C GLU B 224 8.43 17.39 10.15
N SER B 225 7.51 16.68 9.49
CA SER B 225 6.26 17.27 9.06
C SER B 225 5.37 17.65 10.24
N ASN B 226 4.42 18.53 9.97
CA ASN B 226 3.39 18.90 10.94
C ASN B 226 2.23 17.93 10.75
N GLN B 227 2.30 16.79 11.46
CA GLN B 227 1.29 15.74 11.38
C GLN B 227 1.04 15.30 9.93
N GLY B 228 2.13 15.13 9.18
CA GLY B 228 2.08 14.69 7.81
C GLY B 228 2.16 15.80 6.78
N ALA B 229 1.83 17.03 7.15
CA ALA B 229 1.89 18.14 6.22
C ALA B 229 3.33 18.64 6.10
N PHE B 230 3.85 18.68 4.87
CA PHE B 230 5.21 19.10 4.64
C PHE B 230 5.38 20.59 4.93
N ALA B 231 6.53 20.95 5.52
CA ALA B 231 6.84 22.35 5.72
C ALA B 231 7.16 23.04 4.39
N SER B 232 7.85 22.34 3.50
CA SER B 232 8.14 22.78 2.14
C SER B 232 7.72 21.69 1.16
N PRO B 233 7.20 22.06 0.00
CA PRO B 233 6.82 21.05 -1.00
C PRO B 233 8.05 20.40 -1.63
N ILE B 234 7.84 19.19 -2.14
CA ILE B 234 8.88 18.41 -2.79
C ILE B 234 8.47 18.17 -4.23
N GLN B 235 9.37 18.48 -5.16
CA GLN B 235 9.12 18.28 -6.58
C GLN B 235 9.49 16.85 -6.97
N LEU B 236 8.52 16.14 -7.57
CA LEU B 236 8.75 14.81 -8.12
C LEU B 236 8.38 14.82 -9.61
N GLN B 237 8.76 13.74 -10.31
CA GLN B 237 8.55 13.64 -11.74
C GLN B 237 7.60 12.51 -12.11
N ARG B 238 6.81 12.74 -13.16
CA ARG B 238 5.97 11.71 -13.76
C ARG B 238 6.79 10.89 -14.74
N ARG B 239 6.17 9.87 -15.33
CA ARG B 239 6.91 9.03 -16.30
C ARG B 239 7.34 9.83 -17.52
N ASN B 240 6.56 10.84 -17.91
CA ASN B 240 6.88 11.65 -19.08
C ASN B 240 7.81 12.80 -18.76
N GLY B 241 8.33 12.88 -17.54
CA GLY B 241 9.26 13.91 -17.17
C GLY B 241 8.66 15.19 -16.63
N SER B 242 7.34 15.36 -16.73
CA SER B 242 6.73 16.57 -16.17
C SER B 242 6.77 16.50 -14.64
N LYS B 243 6.77 17.69 -14.02
CA LYS B 243 6.95 17.80 -12.58
C LYS B 243 5.62 18.00 -11.88
N PHE B 244 5.56 17.57 -10.62
CA PHE B 244 4.41 17.88 -9.78
C PHE B 244 4.88 18.03 -8.34
N SER B 245 4.12 18.77 -7.55
CA SER B 245 4.48 19.11 -6.18
C SER B 245 3.75 18.21 -5.19
N VAL B 246 4.45 17.84 -4.13
CA VAL B 246 3.91 16.99 -3.07
C VAL B 246 3.93 17.77 -1.77
N TYR B 247 2.76 17.85 -1.12
CA TYR B 247 2.62 18.62 0.11
C TYR B 247 2.29 17.78 1.34
N ASP B 248 1.95 16.50 1.18
CA ASP B 248 1.46 15.72 2.31
C ASP B 248 1.96 14.29 2.22
N VAL B 249 2.09 13.63 3.37
CA VAL B 249 2.63 12.28 3.41
C VAL B 249 1.73 11.27 2.71
N SER B 250 0.42 11.54 2.62
CA SER B 250 -0.53 10.53 2.15
C SER B 250 -0.26 10.09 0.70
N ILE B 251 0.27 11.00 -0.13
CA ILE B 251 0.53 10.61 -1.51
C ILE B 251 1.73 9.66 -1.60
N LEU B 252 2.56 9.62 -0.57
CA LEU B 252 3.75 8.75 -0.60
C LEU B 252 3.54 7.40 0.04
N ILE B 253 2.46 7.21 0.79
CA ILE B 253 2.29 5.97 1.56
C ILE B 253 2.35 4.73 0.67
N PRO B 254 1.70 4.68 -0.50
CA PRO B 254 1.86 3.52 -1.39
C PRO B 254 3.18 3.50 -2.15
N ILE B 255 4.08 4.45 -1.91
CA ILE B 255 5.23 4.70 -2.79
C ILE B 255 6.54 4.41 -2.09
N ILE B 256 6.73 4.95 -0.88
CA ILE B 256 7.98 4.80 -0.15
C ILE B 256 7.78 3.77 0.96
N ALA B 257 8.73 2.85 1.09
CA ALA B 257 8.59 1.71 2.00
C ALA B 257 9.47 1.81 3.23
N LEU B 258 10.56 2.56 3.17
CA LEU B 258 11.51 2.68 4.27
C LEU B 258 12.08 4.08 4.25
N MET B 259 12.39 4.60 5.44
CA MET B 259 13.01 5.91 5.58
C MET B 259 14.25 5.81 6.44
N VAL B 260 15.29 6.55 6.07
CA VAL B 260 16.44 6.71 6.95
C VAL B 260 16.02 7.51 8.17
N TYR B 261 16.57 7.15 9.33
CA TYR B 261 16.26 7.85 10.57
C TYR B 261 16.80 9.28 10.51
N ARG B 262 15.91 10.26 10.70
CA ARG B 262 16.28 11.66 10.73
C ARG B 262 16.14 12.30 12.10
N CYS B 263 15.06 11.98 12.82
CA CYS B 263 14.77 12.58 14.11
C CYS B 263 13.78 11.70 14.86
N ALA B 264 13.58 12.02 16.13
CA ALA B 264 12.56 11.33 16.91
C ALA B 264 11.18 11.85 16.53
N PRO B 265 10.13 11.06 16.77
CA PRO B 265 8.77 11.50 16.45
C PRO B 265 8.43 12.82 17.14
N PRO B 266 7.75 13.72 16.44
CA PRO B 266 7.47 15.05 16.98
C PRO B 266 6.54 14.98 18.17
N PRO B 267 6.43 16.06 18.96
CA PRO B 267 5.50 16.14 20.09
C PRO B 267 4.04 16.09 19.65
C10 A1BH4 C . -3.29 5.67 -7.60
C13 A1BH4 C . -2.84 8.16 -8.05
C15 A1BH4 C . -2.39 9.50 -8.59
C01 A1BH4 C . -6.57 4.66 -7.33
C02 A1BH4 C . -5.68 4.36 -8.53
C03 A1BH4 C . -4.49 3.52 -8.11
C04 A1BH4 C . -4.57 2.13 -8.17
C05 A1BH4 C . -3.47 1.37 -7.78
C06 A1BH4 C . -2.32 1.99 -7.33
C07 A1BH4 C . -2.25 3.37 -7.27
C08 A1BH4 C . -0.98 4.04 -6.77
C09 A1BH4 C . -3.34 4.13 -7.65
C11 A1BH4 C . -3.91 6.52 -6.68
C12 A1BH4 C . -3.67 7.90 -6.95
O16 A1BH4 C . -1.59 9.54 -9.55
O17 A1BH4 C . -2.80 10.57 -8.07
S14 A1BH4 C . -2.46 6.64 -8.69
CL CL D . -34.54 -12.94 12.88
C10 A1BH4 E . 3.71 8.90 -9.94
C13 A1BH4 E . 3.28 9.13 -12.47
C15 A1BH4 E . 2.85 9.56 -13.86
C01 A1BH4 E . 7.12 8.87 -8.74
C02 A1BH4 E . 6.08 9.98 -8.74
C03 A1BH4 E . 4.90 9.61 -7.86
C04 A1BH4 E . 4.96 9.79 -6.49
C05 A1BH4 E . 3.88 9.46 -5.70
C06 A1BH4 E . 2.74 8.94 -6.28
C07 A1BH4 E . 2.67 8.75 -7.64
C08 A1BH4 E . 1.40 8.17 -8.27
C09 A1BH4 E . 3.76 9.08 -8.44
C11 A1BH4 E . 4.36 7.92 -10.72
C12 A1BH4 E . 4.12 8.07 -12.12
O16 A1BH4 E . 1.93 10.42 -13.97
O17 A1BH4 E . 3.41 9.08 -14.89
S14 A1BH4 E . 2.86 9.89 -11.03
#